data_7CIV
#
_entry.id   7CIV
#
_cell.length_a   44.202
_cell.length_b   51.676
_cell.length_c   81.928
_cell.angle_alpha   90.000
_cell.angle_beta   90.000
_cell.angle_gamma   90.000
#
_symmetry.space_group_name_H-M   'P 21 21 21'
#
loop_
_entity.id
_entity.type
_entity.pdbx_description
1 polymer 'Agmatine N-acetyltransferase'
2 non-polymer 'ACETYL COENZYME *A'
3 water water
#
_entity_poly.entity_id   1
_entity_poly.type   'polypeptide(L)'
_entity_poly.pdbx_seq_one_letter_code
;MAKPIADDIVVRQVDVGETEQLMTFLLAHYYPEEPLTAGTHPPEPEAADKEFLLSNVPFGTCFVALHEGRIVAAVVAGPK
DSHEPEHMAEEARKYAGGKWGSILHLLSAVETATDVCRRFSVPSCLHVHALGVDPQLRGRNLGGRLMETVAQRGRDLGHQ
LVSVDCTSVYAARLVQRLGYQLINTLRYVDHLDASGQQVIRPPPPHESVQTFVLHL
;
_entity_poly.pdbx_strand_id   A
#
# COMPACT_ATOMS: atom_id res chain seq x y z
N ALA A 2 -2.17 -13.90 17.15
CA ALA A 2 -2.22 -12.72 18.01
C ALA A 2 -0.85 -12.44 18.61
N LYS A 3 -0.36 -11.23 18.34
CA LYS A 3 1.00 -10.83 18.69
C LYS A 3 0.93 -9.56 19.52
N PRO A 4 1.19 -9.63 20.82
CA PRO A 4 1.25 -8.40 21.64
C PRO A 4 2.46 -7.58 21.25
N ILE A 5 2.24 -6.36 20.77
CA ILE A 5 3.35 -5.48 20.38
C ILE A 5 3.49 -4.30 21.31
N ALA A 6 2.63 -4.18 22.29
CA ALA A 6 2.80 -3.23 23.37
C ALA A 6 2.13 -3.85 24.58
N ASP A 7 2.11 -3.13 25.70
CA ASP A 7 1.31 -3.64 26.80
C ASP A 7 -0.18 -3.44 26.57
N ASP A 8 -0.58 -2.76 25.48
CA ASP A 8 -2.00 -2.50 25.25
C ASP A 8 -2.45 -2.74 23.81
N ILE A 9 -1.55 -3.09 22.88
CA ILE A 9 -1.88 -3.20 21.47
C ILE A 9 -1.55 -4.61 20.98
N VAL A 10 -2.46 -5.19 20.19
CA VAL A 10 -2.32 -6.56 19.71
C VAL A 10 -2.43 -6.56 18.20
N VAL A 11 -1.51 -7.25 17.52
CA VAL A 11 -1.61 -7.47 16.08
C VAL A 11 -2.41 -8.74 15.82
N ARG A 12 -3.42 -8.65 14.95
CA ARG A 12 -4.26 -9.78 14.59
C ARG A 12 -4.37 -9.86 13.08
N GLN A 13 -4.61 -11.07 12.58
CA GLN A 13 -4.91 -11.26 11.16
C GLN A 13 -6.36 -10.89 10.89
N VAL A 14 -6.59 -10.25 9.75
CA VAL A 14 -7.94 -9.95 9.29
C VAL A 14 -8.55 -11.21 8.66
N ASP A 15 -9.75 -11.58 9.09
CA ASP A 15 -10.47 -12.75 8.60
C ASP A 15 -11.53 -12.36 7.57
N VAL A 16 -11.85 -13.31 6.68
CA VAL A 16 -12.75 -13.05 5.55
C VAL A 16 -14.13 -12.58 5.99
N GLY A 17 -14.54 -12.88 7.22
CA GLY A 17 -15.86 -12.45 7.64
C GLY A 17 -15.94 -11.10 8.32
N GLU A 18 -14.81 -10.49 8.63
CA GLU A 18 -14.76 -9.31 9.49
C GLU A 18 -14.02 -8.17 8.81
N THR A 19 -14.45 -7.80 7.61
CA THR A 19 -13.79 -6.73 6.86
C THR A 19 -14.48 -5.38 6.97
N GLU A 20 -15.70 -5.32 7.51
CA GLU A 20 -16.40 -4.04 7.54
C GLU A 20 -15.73 -3.07 8.49
N GLN A 21 -15.35 -3.54 9.68
CA GLN A 21 -14.62 -2.66 10.59
C GLN A 21 -13.25 -2.29 10.03
N LEU A 22 -12.62 -3.19 9.28
CA LEU A 22 -11.36 -2.81 8.61
C LEU A 22 -11.58 -1.68 7.61
N MET A 23 -12.60 -1.80 6.77
CA MET A 23 -12.88 -0.73 5.80
C MET A 23 -13.29 0.56 6.51
N THR A 24 -14.06 0.48 7.61
CA THR A 24 -14.38 1.69 8.36
C THR A 24 -13.11 2.40 8.84
N PHE A 25 -12.13 1.64 9.32
CA PHE A 25 -10.86 2.24 9.73
C PHE A 25 -10.13 2.88 8.56
N LEU A 26 -10.04 2.16 7.44
CA LEU A 26 -9.32 2.69 6.27
C LEU A 26 -9.95 3.99 5.80
N LEU A 27 -11.28 4.04 5.77
CA LEU A 27 -11.98 5.23 5.29
C LEU A 27 -11.79 6.42 6.22
N ALA A 28 -11.51 6.17 7.50
CA ALA A 28 -11.26 7.25 8.44
C ALA A 28 -9.80 7.70 8.45
N HIS A 29 -8.86 6.76 8.47
CA HIS A 29 -7.47 7.10 8.79
C HIS A 29 -6.44 6.73 7.74
N TYR A 30 -6.84 6.03 6.68
CA TYR A 30 -5.93 5.74 5.58
C TYR A 30 -6.27 6.64 4.39
N TYR A 31 -7.44 6.43 3.79
CA TYR A 31 -7.80 7.11 2.55
C TYR A 31 -7.75 8.64 2.63
N PRO A 32 -8.28 9.31 3.65
CA PRO A 32 -8.27 10.79 3.61
C PRO A 32 -6.87 11.40 3.50
N GLU A 33 -5.83 10.77 4.04
CA GLU A 33 -4.49 11.35 3.99
C GLU A 33 -3.57 10.68 2.99
N GLU A 34 -3.95 9.55 2.42
CA GLU A 34 -3.11 8.88 1.45
C GLU A 34 -2.92 9.81 0.25
N PRO A 35 -1.68 10.06 -0.19
CA PRO A 35 -1.47 11.14 -1.17
C PRO A 35 -2.15 10.91 -2.51
N LEU A 36 -2.23 9.68 -3.02
CA LEU A 36 -2.87 9.48 -4.31
C LEU A 36 -4.37 9.74 -4.20
N THR A 37 -4.97 9.31 -3.09
CA THR A 37 -6.38 9.59 -2.86
C THR A 37 -6.60 11.06 -2.56
N ALA A 38 -5.71 11.67 -1.76
CA ALA A 38 -5.87 13.07 -1.40
C ALA A 38 -5.53 14.00 -2.56
N GLY A 39 -4.81 13.50 -3.56
CA GLY A 39 -4.44 14.29 -4.72
C GLY A 39 -5.26 14.08 -5.97
N THR A 40 -6.40 13.39 -5.88
CA THR A 40 -7.30 13.22 -7.03
C THR A 40 -8.71 13.55 -6.56
N HIS A 41 -9.61 13.85 -7.53
CA HIS A 41 -10.98 14.25 -7.20
C HIS A 41 -12.00 13.18 -7.61
N PRO A 42 -13.09 12.99 -6.85
CA PRO A 42 -13.42 13.58 -5.54
C PRO A 42 -12.61 12.95 -4.40
N PRO A 43 -12.77 13.42 -3.16
CA PRO A 43 -11.92 12.90 -2.07
C PRO A 43 -12.17 11.44 -1.73
N GLU A 44 -13.37 10.94 -1.95
CA GLU A 44 -13.71 9.59 -1.50
C GLU A 44 -13.22 8.56 -2.52
N PRO A 45 -12.70 7.41 -2.05
CA PRO A 45 -12.29 6.36 -2.99
C PRO A 45 -13.49 5.71 -3.65
N GLU A 46 -13.30 5.35 -4.92
CA GLU A 46 -14.33 4.66 -5.68
C GLU A 46 -14.56 3.26 -5.15
N ALA A 47 -15.72 2.70 -5.50
CA ALA A 47 -16.03 1.32 -5.11
C ALA A 47 -14.92 0.36 -5.48
N ALA A 48 -14.46 0.39 -6.74
CA ALA A 48 -13.45 -0.58 -7.18
C ALA A 48 -12.17 -0.48 -6.36
N ASP A 49 -11.84 0.72 -5.89
CA ASP A 49 -10.66 0.93 -5.05
C ASP A 49 -10.79 0.15 -3.76
N LYS A 50 -11.88 0.39 -3.03
CA LYS A 50 -12.10 -0.30 -1.76
C LYS A 50 -12.20 -1.80 -1.98
N GLU A 51 -12.86 -2.21 -3.07
CA GLU A 51 -13.03 -3.62 -3.36
C GLU A 51 -11.70 -4.29 -3.65
N PHE A 52 -10.77 -3.57 -4.30
CA PHE A 52 -9.46 -4.14 -4.53
C PHE A 52 -8.72 -4.41 -3.23
N LEU A 53 -8.72 -3.43 -2.32
CA LEU A 53 -8.04 -3.63 -1.03
C LEU A 53 -8.60 -4.85 -0.31
N LEU A 54 -9.93 -4.94 -0.23
CA LEU A 54 -10.56 -6.04 0.48
C LEU A 54 -10.32 -7.39 -0.20
N SER A 55 -10.06 -7.39 -1.51
CA SER A 55 -9.79 -8.64 -2.21
C SER A 55 -8.47 -9.29 -1.77
N ASN A 56 -7.64 -8.60 -0.99
CA ASN A 56 -6.43 -9.23 -0.46
C ASN A 56 -6.68 -10.00 0.82
N VAL A 57 -7.82 -9.79 1.49
CA VAL A 57 -8.07 -10.45 2.78
C VAL A 57 -7.98 -11.98 2.68
N PRO A 58 -8.56 -12.63 1.66
CA PRO A 58 -8.48 -14.12 1.63
C PRO A 58 -7.06 -14.69 1.58
N PHE A 59 -6.04 -13.89 1.24
CA PHE A 59 -4.67 -14.39 1.22
C PHE A 59 -4.05 -14.55 2.60
N GLY A 60 -4.69 -14.03 3.65
CA GLY A 60 -4.11 -14.12 4.97
C GLY A 60 -2.90 -13.23 5.13
N THR A 61 -2.84 -12.14 4.36
CA THR A 61 -1.70 -11.23 4.34
C THR A 61 -2.08 -9.82 4.81
N CYS A 62 -3.25 -9.66 5.44
CA CYS A 62 -3.70 -8.38 5.96
C CYS A 62 -3.82 -8.46 7.48
N PHE A 63 -3.39 -7.40 8.17
CA PHE A 63 -3.27 -7.42 9.62
C PHE A 63 -3.75 -6.10 10.19
N VAL A 64 -4.27 -6.14 11.42
CA VAL A 64 -4.68 -4.93 12.12
C VAL A 64 -4.01 -4.90 13.49
N ALA A 65 -3.94 -3.70 14.05
CA ALA A 65 -3.54 -3.52 15.44
C ALA A 65 -4.79 -3.14 16.21
N LEU A 66 -5.03 -3.82 17.33
CA LEU A 66 -6.19 -3.60 18.18
C LEU A 66 -5.77 -2.93 19.47
N HIS A 67 -6.48 -1.87 19.84
CA HIS A 67 -6.35 -1.21 21.14
C HIS A 67 -7.74 -1.03 21.71
N GLU A 68 -7.99 -1.63 22.87
CA GLU A 68 -9.30 -1.56 23.53
C GLU A 68 -10.41 -1.99 22.59
N GLY A 69 -10.19 -3.11 21.89
CA GLY A 69 -11.22 -3.66 21.04
C GLY A 69 -11.46 -2.91 19.75
N ARG A 70 -10.56 -2.04 19.36
CA ARG A 70 -10.71 -1.30 18.13
C ARG A 70 -9.49 -1.41 17.27
N ILE A 71 -9.71 -1.29 15.96
CA ILE A 71 -8.61 -1.19 15.02
C ILE A 71 -7.99 0.18 15.11
N VAL A 72 -6.69 0.24 15.39
CA VAL A 72 -5.97 1.51 15.39
C VAL A 72 -4.89 1.56 14.31
N ALA A 73 -4.67 0.47 13.58
CA ALA A 73 -3.71 0.45 12.48
C ALA A 73 -4.04 -0.75 11.60
N ALA A 74 -3.64 -0.67 10.34
CA ALA A 74 -3.91 -1.76 9.42
C ALA A 74 -2.89 -1.77 8.30
N VAL A 75 -2.62 -2.96 7.77
CA VAL A 75 -1.78 -3.11 6.59
C VAL A 75 -2.47 -4.11 5.66
N VAL A 76 -2.47 -3.79 4.37
CA VAL A 76 -3.07 -4.65 3.35
C VAL A 76 -1.98 -5.03 2.36
N ALA A 77 -1.81 -6.33 2.15
CA ALA A 77 -0.77 -6.82 1.26
C ALA A 77 -1.30 -8.03 0.51
N GLY A 78 -0.67 -8.33 -0.61
CA GLY A 78 -1.06 -9.47 -1.42
C GLY A 78 0.05 -9.84 -2.38
N PRO A 79 -0.04 -11.03 -2.98
CA PRO A 79 1.01 -11.49 -3.88
C PRO A 79 0.92 -10.87 -5.27
N LYS A 80 2.06 -10.86 -5.96
CA LYS A 80 2.13 -10.53 -7.37
C LYS A 80 3.30 -11.29 -8.00
N ASP A 81 3.27 -11.37 -9.33
CA ASP A 81 4.31 -12.10 -10.08
C ASP A 81 4.60 -11.30 -11.34
N SER A 82 5.23 -11.94 -12.34
CA SER A 82 5.72 -11.19 -13.50
C SER A 82 4.60 -10.68 -14.40
N HIS A 83 3.39 -11.21 -14.25
CA HIS A 83 2.25 -10.70 -15.01
C HIS A 83 1.67 -9.42 -14.42
N GLU A 84 2.14 -8.95 -13.28
CA GLU A 84 1.51 -7.79 -12.68
C GLU A 84 1.63 -6.54 -13.54
N PRO A 85 2.77 -6.22 -14.15
CA PRO A 85 2.81 -5.02 -15.01
C PRO A 85 1.77 -5.04 -16.12
N GLU A 86 1.59 -6.16 -16.82
CA GLU A 86 0.58 -6.20 -17.88
C GLU A 86 -0.82 -6.05 -17.29
N HIS A 87 -1.06 -6.69 -16.15
CA HIS A 87 -2.38 -6.64 -15.52
C HIS A 87 -2.73 -5.24 -15.04
N MET A 88 -1.78 -4.56 -14.39
CA MET A 88 -2.05 -3.19 -13.95
C MET A 88 -2.33 -2.28 -15.13
N ALA A 89 -1.59 -2.47 -16.23
CA ALA A 89 -1.78 -1.64 -17.41
C ALA A 89 -3.19 -1.80 -17.96
N GLU A 90 -3.71 -3.02 -17.95
CA GLU A 90 -5.05 -3.24 -18.46
C GLU A 90 -6.10 -2.73 -17.47
N GLU A 91 -5.87 -2.87 -16.16
CA GLU A 91 -6.80 -2.30 -15.20
C GLU A 91 -6.85 -0.79 -15.33
N ALA A 92 -5.69 -0.14 -15.50
CA ALA A 92 -5.66 1.31 -15.65
C ALA A 92 -6.48 1.76 -16.84
N ARG A 93 -6.40 1.05 -17.96
CA ARG A 93 -7.12 1.55 -19.14
C ARG A 93 -8.62 1.28 -19.04
N LYS A 94 -9.03 0.23 -18.34
CA LYS A 94 -10.46 -0.02 -18.15
C LYS A 94 -11.10 1.05 -17.26
N TYR A 95 -10.40 1.49 -16.21
CA TYR A 95 -10.98 2.50 -15.33
C TYR A 95 -10.58 3.91 -15.77
N ALA A 96 -9.98 4.05 -16.95
CA ALA A 96 -9.56 5.35 -17.44
C ALA A 96 -10.77 6.30 -17.51
N GLY A 97 -10.57 7.51 -17.04
CA GLY A 97 -11.63 8.49 -16.93
C GLY A 97 -12.01 8.84 -15.51
N GLY A 98 -11.76 7.98 -14.53
CA GLY A 98 -12.19 8.31 -13.19
C GLY A 98 -11.08 8.38 -12.17
N LYS A 99 -11.46 8.49 -10.89
CA LYS A 99 -10.46 8.62 -9.83
C LYS A 99 -9.61 7.36 -9.73
N TRP A 100 -10.25 6.20 -9.63
CA TRP A 100 -9.50 4.94 -9.58
C TRP A 100 -8.64 4.76 -10.83
N GLY A 101 -9.13 5.22 -11.98
CA GLY A 101 -8.32 5.15 -13.17
C GLY A 101 -7.06 6.00 -13.08
N SER A 102 -7.17 7.18 -12.46
CA SER A 102 -6.01 8.06 -12.30
C SER A 102 -5.00 7.44 -11.34
N ILE A 103 -5.47 6.91 -10.21
CA ILE A 103 -4.58 6.24 -9.26
C ILE A 103 -3.88 5.07 -9.92
N LEU A 104 -4.62 4.28 -10.72
CA LEU A 104 -4.01 3.13 -11.39
C LEU A 104 -3.02 3.55 -12.47
N HIS A 105 -3.34 4.63 -13.18
CA HIS A 105 -2.42 5.26 -14.13
C HIS A 105 -1.04 5.41 -13.52
N LEU A 106 -0.98 6.01 -12.33
CA LEU A 106 0.30 6.22 -11.67
C LEU A 106 0.90 4.92 -11.17
N LEU A 107 0.09 4.10 -10.48
CA LEU A 107 0.63 2.85 -9.93
C LEU A 107 1.09 1.92 -11.05
N SER A 108 0.47 1.99 -12.23
CA SER A 108 0.89 1.11 -13.32
C SER A 108 2.20 1.59 -13.93
N ALA A 109 2.37 2.90 -14.04
CA ALA A 109 3.66 3.44 -14.49
C ALA A 109 4.79 2.98 -13.58
N VAL A 110 4.55 2.98 -12.27
CA VAL A 110 5.57 2.58 -11.31
C VAL A 110 5.81 1.08 -11.38
N GLU A 111 4.75 0.29 -11.52
CA GLU A 111 4.94 -1.16 -11.57
C GLU A 111 5.73 -1.55 -12.82
N THR A 112 5.40 -0.93 -13.95
CA THR A 112 6.12 -1.22 -15.19
C THR A 112 7.58 -0.82 -15.07
N ALA A 113 7.85 0.30 -14.42
CA ALA A 113 9.22 0.78 -14.25
C ALA A 113 10.04 -0.15 -13.35
N THR A 114 9.46 -0.59 -12.22
CA THR A 114 10.18 -1.40 -11.25
C THR A 114 10.31 -2.86 -11.70
N ASP A 115 9.19 -3.48 -12.06
CA ASP A 115 9.18 -4.85 -12.61
C ASP A 115 10.01 -5.82 -11.77
N VAL A 116 9.71 -5.88 -10.47
CA VAL A 116 10.66 -6.39 -9.48
C VAL A 116 10.97 -7.88 -9.71
N CYS A 117 10.00 -8.67 -10.17
CA CYS A 117 10.25 -10.10 -10.35
C CYS A 117 11.31 -10.34 -11.42
N ARG A 118 11.20 -9.63 -12.54
CA ARG A 118 12.25 -9.70 -13.57
C ARG A 118 13.53 -9.02 -13.10
N ARG A 119 13.40 -7.84 -12.47
CA ARG A 119 14.56 -7.09 -12.00
C ARG A 119 15.45 -7.95 -11.10
N PHE A 120 14.85 -8.67 -10.15
CA PHE A 120 15.63 -9.38 -9.13
C PHE A 120 15.61 -10.90 -9.31
N SER A 121 15.00 -11.40 -10.38
CA SER A 121 14.97 -12.82 -10.73
C SER A 121 14.31 -13.65 -9.62
N VAL A 122 13.17 -13.16 -9.15
CA VAL A 122 12.39 -13.87 -8.13
C VAL A 122 11.06 -14.28 -8.75
N PRO A 123 10.48 -15.43 -8.36
CA PRO A 123 9.22 -15.85 -8.97
C PRO A 123 8.01 -15.06 -8.53
N SER A 124 8.07 -14.39 -7.38
CA SER A 124 6.91 -13.68 -6.86
C SER A 124 7.37 -12.66 -5.83
N CYS A 125 6.43 -11.79 -5.46
CA CYS A 125 6.67 -10.72 -4.50
C CYS A 125 5.42 -10.57 -3.64
N LEU A 126 5.62 -10.25 -2.38
CA LEU A 126 4.52 -9.80 -1.51
C LEU A 126 4.50 -8.27 -1.51
N HIS A 127 3.49 -7.68 -2.14
CA HIS A 127 3.37 -6.24 -2.27
C HIS A 127 2.44 -5.66 -1.21
N VAL A 128 2.89 -4.62 -0.51
CA VAL A 128 2.07 -3.92 0.47
C VAL A 128 1.29 -2.83 -0.24
N HIS A 129 -0.03 -2.92 -0.19
CA HIS A 129 -0.89 -2.00 -0.93
C HIS A 129 -1.31 -0.79 -0.12
N ALA A 130 -1.39 -0.93 1.21
CA ALA A 130 -1.94 0.10 2.07
C ALA A 130 -1.39 -0.09 3.46
N LEU A 131 -1.06 1.02 4.11
CA LEU A 131 -0.61 1.03 5.49
C LEU A 131 -1.16 2.30 6.13
N GLY A 132 -1.90 2.14 7.22
CA GLY A 132 -2.47 3.29 7.90
C GLY A 132 -2.43 3.15 9.41
N VAL A 133 -2.19 4.26 10.10
CA VAL A 133 -2.20 4.27 11.57
C VAL A 133 -3.08 5.42 12.07
N ASP A 134 -3.96 5.12 13.03
CA ASP A 134 -4.75 6.14 13.70
C ASP A 134 -3.83 7.31 14.10
N PRO A 135 -4.19 8.55 13.74
CA PRO A 135 -3.29 9.68 14.03
C PRO A 135 -2.92 9.82 15.50
N GLN A 136 -3.81 9.41 16.41
CA GLN A 136 -3.50 9.49 17.83
C GLN A 136 -2.42 8.49 18.25
N LEU A 137 -2.13 7.49 17.43
CA LEU A 137 -1.13 6.49 17.76
C LEU A 137 0.06 6.51 16.82
N ARG A 138 0.23 7.56 16.03
CA ARG A 138 1.40 7.69 15.20
C ARG A 138 2.61 8.05 16.05
N GLY A 139 3.79 7.61 15.62
CA GLY A 139 4.99 7.83 16.39
C GLY A 139 5.41 6.68 17.25
N ARG A 140 4.60 5.61 17.30
CA ARG A 140 4.84 4.48 18.16
C ARG A 140 5.33 3.28 17.37
N ASN A 141 5.71 3.49 16.12
CA ASN A 141 6.18 2.41 15.24
C ASN A 141 5.14 1.30 15.14
N LEU A 142 3.85 1.65 15.18
CA LEU A 142 2.84 0.67 14.80
C LEU A 142 2.98 0.32 13.33
N GLY A 143 3.27 1.31 12.48
CA GLY A 143 3.52 1.02 11.08
C GLY A 143 4.64 0.02 10.88
N GLY A 144 5.76 0.23 11.59
CA GLY A 144 6.87 -0.70 11.46
C GLY A 144 6.53 -2.11 11.91
N ARG A 145 5.78 -2.25 13.00
CA ARG A 145 5.48 -3.59 13.48
C ARG A 145 4.56 -4.32 12.50
N LEU A 146 3.61 -3.62 11.89
CA LEU A 146 2.75 -4.27 10.89
C LEU A 146 3.56 -4.68 9.66
N MET A 147 4.49 -3.83 9.22
CA MET A 147 5.38 -4.20 8.13
C MET A 147 6.19 -5.46 8.46
N GLU A 148 6.72 -5.56 9.68
CA GLU A 148 7.47 -6.75 10.06
C GLU A 148 6.58 -7.99 10.05
N THR A 149 5.32 -7.82 10.46
CA THR A 149 4.39 -8.93 10.44
C THR A 149 4.16 -9.43 9.02
N VAL A 150 3.97 -8.50 8.09
CA VAL A 150 3.85 -8.84 6.68
C VAL A 150 5.10 -9.58 6.17
N ALA A 151 6.29 -9.08 6.54
CA ALA A 151 7.52 -9.74 6.11
C ALA A 151 7.61 -11.17 6.66
N GLN A 152 7.22 -11.38 7.91
CA GLN A 152 7.28 -12.74 8.44
C GLN A 152 6.29 -13.64 7.72
N ARG A 153 5.08 -13.14 7.45
CA ARG A 153 4.12 -13.88 6.65
C ARG A 153 4.69 -14.20 5.28
N GLY A 154 5.39 -13.23 4.68
CA GLY A 154 6.02 -13.48 3.39
C GLY A 154 7.06 -14.59 3.44
N ARG A 155 7.86 -14.62 4.50
CA ARG A 155 8.84 -15.69 4.66
C ARG A 155 8.15 -17.05 4.77
N ASP A 156 7.10 -17.15 5.59
CA ASP A 156 6.37 -18.42 5.72
C ASP A 156 5.86 -18.88 4.37
N LEU A 157 5.32 -17.96 3.58
CA LEU A 157 4.77 -18.24 2.27
C LEU A 157 5.83 -18.52 1.23
N GLY A 158 7.11 -18.41 1.58
CA GLY A 158 8.15 -18.70 0.62
C GLY A 158 8.52 -17.56 -0.31
N HIS A 159 7.95 -16.37 -0.13
CA HIS A 159 8.32 -15.21 -0.96
C HIS A 159 9.76 -14.80 -0.67
N GLN A 160 10.46 -14.36 -1.72
CA GLN A 160 11.83 -13.92 -1.56
C GLN A 160 11.96 -12.41 -1.47
N LEU A 161 10.83 -11.69 -1.54
CA LEU A 161 10.90 -10.23 -1.66
C LEU A 161 9.57 -9.62 -1.22
N VAL A 162 9.66 -8.47 -0.57
CA VAL A 162 8.52 -7.59 -0.30
C VAL A 162 8.75 -6.32 -1.08
N SER A 163 7.69 -5.76 -1.67
CA SER A 163 7.79 -4.45 -2.32
C SER A 163 6.71 -3.52 -1.79
N VAL A 164 6.94 -2.21 -1.92
CA VAL A 164 5.98 -1.23 -1.43
C VAL A 164 6.19 0.10 -2.14
N ASP A 165 5.11 0.71 -2.62
CA ASP A 165 5.15 2.04 -3.25
C ASP A 165 4.78 3.07 -2.18
N CYS A 166 5.80 3.77 -1.68
CA CYS A 166 5.61 4.77 -0.63
C CYS A 166 5.18 6.07 -1.29
N THR A 167 3.86 6.27 -1.35
CA THR A 167 3.30 7.49 -1.92
C THR A 167 3.46 8.67 -0.97
N SER A 168 3.75 8.37 0.29
CA SER A 168 3.86 9.33 1.38
C SER A 168 5.29 9.35 1.91
N VAL A 169 5.82 10.55 2.18
CA VAL A 169 7.16 10.64 2.77
C VAL A 169 7.24 9.92 4.10
N TYR A 170 6.13 9.85 4.85
CA TYR A 170 6.20 9.19 6.16
C TYR A 170 6.33 7.68 6.02
N ALA A 171 5.72 7.10 4.97
CA ALA A 171 5.91 5.68 4.71
C ALA A 171 7.32 5.39 4.22
N ALA A 172 7.86 6.25 3.36
CA ALA A 172 9.24 6.08 2.88
C ALA A 172 10.24 6.15 4.04
N ARG A 173 10.07 7.11 4.95
CA ARG A 173 10.98 7.22 6.09
C ARG A 173 10.90 5.98 6.98
N LEU A 174 9.69 5.46 7.17
CA LEU A 174 9.51 4.28 8.00
C LEU A 174 10.23 3.07 7.41
N VAL A 175 10.04 2.81 6.10
CA VAL A 175 10.65 1.63 5.49
C VAL A 175 12.16 1.80 5.38
N GLN A 176 12.64 3.03 5.24
CA GLN A 176 14.07 3.28 5.33
C GLN A 176 14.62 2.82 6.67
N ARG A 177 13.93 3.19 7.77
CA ARG A 177 14.30 2.71 9.10
C ARG A 177 14.35 1.19 9.17
N LEU A 178 13.48 0.50 8.45
CA LEU A 178 13.42 -0.95 8.45
C LEU A 178 14.46 -1.59 7.52
N GLY A 179 15.27 -0.79 6.83
CA GLY A 179 16.30 -1.34 5.96
C GLY A 179 15.84 -1.72 4.58
N TYR A 180 14.72 -1.19 4.11
CA TYR A 180 14.30 -1.43 2.73
C TYR A 180 15.24 -0.69 1.78
N GLN A 181 15.30 -1.15 0.53
CA GLN A 181 16.17 -0.59 -0.50
C GLN A 181 15.32 0.21 -1.49
N LEU A 182 15.68 1.48 -1.71
CA LEU A 182 14.96 2.32 -2.66
C LEU A 182 15.33 1.93 -4.08
N ILE A 183 14.34 1.66 -4.93
CA ILE A 183 14.61 1.23 -6.30
C ILE A 183 14.00 2.15 -7.36
N ASN A 184 13.12 3.07 -7.01
CA ASN A 184 12.51 3.93 -8.03
C ASN A 184 11.91 5.17 -7.37
N THR A 185 11.97 6.28 -8.08
CA THR A 185 11.37 7.55 -7.63
C THR A 185 10.68 8.20 -8.82
N LEU A 186 9.41 8.56 -8.64
CA LEU A 186 8.62 9.24 -9.66
C LEU A 186 8.01 10.47 -9.00
N ARG A 187 8.45 11.67 -9.38
CA ARG A 187 7.84 12.88 -8.85
C ARG A 187 6.46 13.09 -9.44
N TYR A 188 5.50 13.48 -8.60
CA TYR A 188 4.14 13.71 -9.11
C TYR A 188 4.10 14.79 -10.20
N VAL A 189 4.94 15.83 -10.12
CA VAL A 189 4.91 16.82 -11.20
C VAL A 189 5.41 16.24 -12.52
N ASP A 190 6.14 15.13 -12.48
CA ASP A 190 6.66 14.55 -13.71
C ASP A 190 5.70 13.57 -14.34
N HIS A 191 4.56 13.27 -13.70
CA HIS A 191 3.67 12.21 -14.17
C HIS A 191 2.40 12.84 -14.76
N LEU A 192 2.29 12.81 -16.09
CA LEU A 192 1.22 13.47 -16.83
C LEU A 192 0.27 12.44 -17.42
N ASP A 193 -0.96 12.88 -17.75
CA ASP A 193 -1.82 12.05 -18.59
C ASP A 193 -1.57 12.38 -20.07
N ALA A 194 -2.33 11.72 -20.95
CA ALA A 194 -2.09 11.86 -22.39
C ALA A 194 -2.28 13.29 -22.85
N SER A 195 -3.15 14.04 -22.20
CA SER A 195 -3.41 15.42 -22.56
C SER A 195 -2.42 16.38 -21.92
N GLY A 196 -1.41 15.88 -21.21
CA GLY A 196 -0.37 16.72 -20.67
C GLY A 196 -0.67 17.32 -19.32
N GLN A 197 -1.69 16.85 -18.63
CA GLN A 197 -2.07 17.38 -17.32
C GLN A 197 -1.50 16.53 -16.20
N GLN A 198 -1.12 17.19 -15.09
CA GLN A 198 -0.58 16.47 -13.94
C GLN A 198 -1.68 15.64 -13.30
N VAL A 199 -1.43 14.34 -13.15
CA VAL A 199 -2.44 13.38 -12.71
C VAL A 199 -2.73 13.54 -11.22
N ILE A 200 -1.69 13.45 -10.41
CA ILE A 200 -1.80 13.45 -8.95
C ILE A 200 -1.27 14.78 -8.45
N ARG A 201 -2.04 15.49 -7.64
CA ARG A 201 -1.52 16.71 -7.05
C ARG A 201 -1.80 16.70 -5.56
N PRO A 202 -0.91 16.08 -4.79
CA PRO A 202 -1.11 15.90 -3.37
C PRO A 202 -0.52 17.07 -2.60
N PRO A 203 -0.89 17.23 -1.34
CA PRO A 203 -0.32 18.30 -0.53
C PRO A 203 1.15 18.05 -0.24
N PRO A 204 1.96 19.10 -0.20
CA PRO A 204 3.29 18.99 0.41
C PRO A 204 3.16 18.38 1.81
N PRO A 205 4.18 17.62 2.27
CA PRO A 205 5.50 17.42 1.68
C PRO A 205 5.63 16.24 0.71
N HIS A 206 4.52 15.69 0.25
CA HIS A 206 4.56 14.48 -0.58
C HIS A 206 4.89 14.86 -2.01
N GLU A 207 6.16 14.69 -2.40
CA GLU A 207 6.56 15.11 -3.73
C GLU A 207 6.75 13.96 -4.72
N SER A 208 6.83 12.72 -4.25
CA SER A 208 7.09 11.62 -5.16
C SER A 208 6.51 10.33 -4.58
N VAL A 209 6.41 9.32 -5.44
CA VAL A 209 6.17 7.95 -4.99
C VAL A 209 7.50 7.20 -5.11
N GLN A 210 7.96 6.66 -3.99
CA GLN A 210 9.24 5.98 -3.91
C GLN A 210 8.96 4.50 -3.62
N THR A 211 9.44 3.63 -4.49
CA THR A 211 9.23 2.20 -4.35
C THR A 211 10.45 1.57 -3.70
N PHE A 212 10.22 0.79 -2.66
CA PHE A 212 11.26 0.10 -1.91
C PHE A 212 11.02 -1.40 -1.99
N VAL A 213 12.09 -2.16 -1.79
CA VAL A 213 11.99 -3.61 -1.69
C VAL A 213 12.76 -4.08 -0.46
N LEU A 214 12.37 -5.23 0.07
CA LEU A 214 13.10 -5.90 1.15
C LEU A 214 13.34 -7.34 0.70
N HIS A 215 14.59 -7.77 0.68
CA HIS A 215 14.88 -9.15 0.34
C HIS A 215 14.65 -10.03 1.57
N LEU A 216 13.93 -11.13 1.39
CA LEU A 216 13.54 -12.01 2.49
C LEU A 216 14.44 -13.25 2.62
#